data_2L9V
#
_entry.id   2L9V
#
_entity_poly.entity_id   1
_entity_poly.type   'polypeptide(L)'
_entity_poly.pdbx_seq_one_letter_code
;SQPAKKTYTWNTKEEAKQAFKEALKEKRVPSNASWEQAMKMIINDPRYSALAKLSEKKQAFNAYKVQTEK
;
_entity_poly.pdbx_strand_id   A
#
# COMPACT_ATOMS: atom_id res chain seq x y z
N TRP A 10 2.37 -11.54 -3.45
CA TRP A 10 2.31 -11.36 -4.90
C TRP A 10 3.64 -11.76 -5.55
N ASN A 11 3.55 -12.35 -6.73
CA ASN A 11 4.74 -12.78 -7.46
C ASN A 11 5.12 -11.75 -8.53
N THR A 12 4.27 -10.75 -8.72
CA THR A 12 4.50 -9.73 -9.73
C THR A 12 4.48 -8.34 -9.12
N LYS A 13 5.48 -7.54 -9.45
CA LYS A 13 5.60 -6.19 -8.90
C LYS A 13 4.41 -5.32 -9.29
N GLU A 14 3.97 -5.46 -10.53
CA GLU A 14 2.83 -4.69 -11.02
C GLU A 14 1.54 -5.06 -10.27
N GLU A 15 1.37 -6.35 -10.01
CA GLU A 15 0.21 -6.83 -9.27
C GLU A 15 0.26 -6.34 -7.82
N ALA A 16 1.46 -6.27 -7.27
CA ALA A 16 1.66 -5.73 -5.92
C ALA A 16 1.24 -4.26 -5.86
N LYS A 17 1.64 -3.49 -6.87
CA LYS A 17 1.27 -2.08 -6.95
C LYS A 17 -0.23 -1.92 -7.04
N GLN A 18 -0.89 -2.81 -7.78
CA GLN A 18 -2.34 -2.80 -7.89
C GLN A 18 -3.00 -3.02 -6.53
N ALA A 19 -2.48 -3.98 -5.79
CA ALA A 19 -2.97 -4.27 -4.45
C ALA A 19 -2.79 -3.06 -3.53
N PHE A 20 -1.67 -2.37 -3.68
CA PHE A 20 -1.41 -1.15 -2.92
C PHE A 20 -2.45 -0.08 -3.20
N LYS A 21 -2.74 0.13 -4.49
CA LYS A 21 -3.71 1.13 -4.89
C LYS A 21 -5.09 0.82 -4.33
N GLU A 22 -5.45 -0.46 -4.31
CA GLU A 22 -6.71 -0.90 -3.74
C GLU A 22 -6.81 -0.54 -2.27
N ALA A 23 -5.74 -0.83 -1.52
CA ALA A 23 -5.69 -0.49 -0.10
C ALA A 23 -5.69 1.02 0.09
N LEU A 24 -5.06 1.74 -0.83
CA LEU A 24 -5.02 3.20 -0.78
C LEU A 24 -6.42 3.79 -0.92
N LYS A 25 -7.24 3.17 -1.75
CA LYS A 25 -8.63 3.55 -1.90
C LYS A 25 -9.42 3.28 -0.61
N GLU A 26 -9.15 2.11 -0.02
CA GLU A 26 -9.80 1.75 1.23
C GLU A 26 -9.39 2.67 2.37
N LYS A 27 -8.18 3.22 2.28
CA LYS A 27 -7.67 4.13 3.29
C LYS A 27 -7.92 5.58 2.90
N ARG A 28 -8.69 5.78 1.83
CA ARG A 28 -9.02 7.12 1.37
C ARG A 28 -7.79 8.01 1.31
N VAL A 29 -6.75 7.53 0.64
CA VAL A 29 -5.50 8.27 0.52
C VAL A 29 -5.65 9.43 -0.46
N PRO A 30 -5.41 10.65 0.01
CA PRO A 30 -5.55 11.83 -0.82
C PRO A 30 -4.70 11.72 -2.08
N SER A 31 -5.22 12.25 -3.19
CA SER A 31 -4.50 12.24 -4.45
C SER A 31 -3.26 13.12 -4.39
N ASN A 32 -3.22 14.00 -3.39
CA ASN A 32 -2.10 14.91 -3.22
C ASN A 32 -1.08 14.36 -2.23
N ALA A 33 -1.36 13.18 -1.70
CA ALA A 33 -0.46 12.52 -0.77
C ALA A 33 0.68 11.81 -1.50
N SER A 34 1.85 11.80 -0.90
CA SER A 34 3.01 11.14 -1.49
C SER A 34 2.92 9.63 -1.35
N TRP A 35 3.74 8.92 -2.10
CA TRP A 35 3.80 7.46 -2.03
C TRP A 35 4.11 7.00 -0.62
N GLU A 36 5.07 7.67 0.02
CA GLU A 36 5.44 7.35 1.39
C GLU A 36 4.26 7.48 2.34
N GLN A 37 3.55 8.60 2.23
CA GLN A 37 2.37 8.84 3.06
C GLN A 37 1.27 7.82 2.76
N ALA A 38 1.17 7.42 1.51
CA ALA A 38 0.19 6.42 1.10
C ALA A 38 0.47 5.07 1.75
N MET A 39 1.76 4.72 1.84
CA MET A 39 2.17 3.45 2.42
C MET A 39 1.97 3.46 3.94
N LYS A 40 2.21 4.62 4.55
CA LYS A 40 2.03 4.77 5.99
C LYS A 40 0.64 4.34 6.42
N MET A 41 -0.33 4.49 5.52
CA MET A 41 -1.72 4.18 5.82
C MET A 41 -1.93 2.67 5.95
N ILE A 42 -1.10 1.90 5.23
CA ILE A 42 -1.19 0.45 5.25
C ILE A 42 -0.10 -0.16 6.12
N ILE A 43 0.84 0.67 6.55
CA ILE A 43 1.88 0.25 7.48
C ILE A 43 1.39 0.31 8.92
N ASN A 44 0.70 1.40 9.26
CA ASN A 44 0.17 1.57 10.60
C ASN A 44 -1.07 0.70 10.82
N ASP A 45 -1.65 0.23 9.72
CA ASP A 45 -2.84 -0.62 9.79
C ASP A 45 -2.47 -2.09 9.67
N PRO A 46 -2.56 -2.81 10.78
CA PRO A 46 -2.18 -4.22 10.81
C PRO A 46 -2.93 -5.02 9.76
N ARG A 47 -4.12 -4.53 9.39
CA ARG A 47 -4.96 -5.23 8.43
C ARG A 47 -4.28 -5.35 7.08
N TYR A 48 -3.40 -4.40 6.77
CA TYR A 48 -2.68 -4.40 5.50
C TYR A 48 -1.19 -4.61 5.72
N SER A 49 -0.83 -5.19 6.86
CA SER A 49 0.57 -5.43 7.19
C SER A 49 1.23 -6.30 6.12
N ALA A 50 0.44 -7.14 5.46
CA ALA A 50 0.94 -7.97 4.37
C ALA A 50 1.41 -7.11 3.20
N LEU A 51 0.70 -6.01 2.94
CA LEU A 51 1.06 -5.09 1.87
C LEU A 51 2.19 -4.17 2.31
N ALA A 52 2.23 -3.86 3.60
CA ALA A 52 3.32 -3.07 4.17
C ALA A 52 4.66 -3.77 3.98
N LYS A 53 4.67 -5.08 4.16
CA LYS A 53 5.87 -5.88 3.92
C LYS A 53 6.10 -6.10 2.43
N LEU A 54 5.03 -6.29 1.68
CA LEU A 54 5.11 -6.49 0.25
C LEU A 54 5.77 -5.31 -0.44
N SER A 55 5.50 -4.11 0.07
CA SER A 55 6.07 -2.89 -0.49
C SER A 55 7.59 -2.88 -0.36
N GLU A 56 8.11 -3.70 0.55
CA GLU A 56 9.55 -3.85 0.71
C GLU A 56 10.07 -5.05 -0.08
N LYS A 57 9.22 -6.06 -0.23
CA LYS A 57 9.58 -7.25 -1.01
C LYS A 57 9.61 -6.95 -2.50
N LYS A 58 8.86 -5.93 -2.90
CA LYS A 58 8.79 -5.54 -4.30
C LYS A 58 9.30 -4.12 -4.51
N TRP A 10 4.51 -11.81 -2.80
CA TRP A 10 3.89 -11.44 -4.07
C TRP A 10 4.61 -12.09 -5.24
N ASN A 11 3.83 -12.73 -6.12
CA ASN A 11 4.39 -13.41 -7.28
C ASN A 11 4.49 -12.47 -8.48
N THR A 12 3.60 -11.49 -8.52
CA THR A 12 3.60 -10.52 -9.62
C THR A 12 3.66 -9.09 -9.10
N LYS A 13 4.69 -8.36 -9.51
CA LYS A 13 4.89 -6.99 -9.06
C LYS A 13 3.73 -6.10 -9.48
N GLU A 14 3.20 -6.35 -10.67
CA GLU A 14 2.08 -5.57 -11.19
C GLU A 14 0.85 -5.74 -10.32
N GLU A 15 0.58 -6.97 -9.90
CA GLU A 15 -0.55 -7.25 -9.03
C GLU A 15 -0.35 -6.68 -7.63
N ALA A 16 0.91 -6.71 -7.17
CA ALA A 16 1.26 -6.14 -5.88
C ALA A 16 0.99 -4.64 -5.84
N LYS A 17 1.40 -3.95 -6.89
CA LYS A 17 1.19 -2.51 -7.00
C LYS A 17 -0.28 -2.17 -7.09
N GLN A 18 -1.02 -2.98 -7.85
CA GLN A 18 -2.46 -2.81 -7.98
C GLN A 18 -3.16 -2.94 -6.62
N ALA A 19 -2.75 -3.95 -5.86
CA ALA A 19 -3.31 -4.17 -4.53
C ALA A 19 -3.00 -2.99 -3.61
N PHE A 20 -1.81 -2.44 -3.74
CA PHE A 20 -1.41 -1.27 -2.96
C PHE A 20 -2.33 -0.08 -3.25
N LYS A 21 -2.58 0.16 -4.53
CA LYS A 21 -3.45 1.27 -4.94
C LYS A 21 -4.87 1.06 -4.43
N GLU A 22 -5.32 -0.19 -4.45
CA GLU A 22 -6.64 -0.53 -3.94
C GLU A 22 -6.74 -0.29 -2.43
N ALA A 23 -5.69 -0.66 -1.71
CA ALA A 23 -5.63 -0.43 -0.27
C ALA A 23 -5.61 1.05 0.04
N LEU A 24 -4.94 1.83 -0.80
CA LEU A 24 -4.93 3.28 -0.67
C LEU A 24 -6.34 3.85 -0.71
N LYS A 25 -7.14 3.36 -1.65
CA LYS A 25 -8.54 3.74 -1.74
C LYS A 25 -9.32 3.31 -0.51
N GLU A 26 -9.01 2.12 0.00
CA GLU A 26 -9.66 1.60 1.20
C GLU A 26 -9.33 2.47 2.41
N LYS A 27 -8.15 3.08 2.40
CA LYS A 27 -7.68 3.90 3.51
C LYS A 27 -7.97 5.37 3.25
N ARG A 28 -8.67 5.66 2.16
CA ARG A 28 -9.02 7.02 1.81
C ARG A 28 -7.78 7.91 1.70
N VAL A 29 -6.75 7.39 1.05
CA VAL A 29 -5.51 8.14 0.88
C VAL A 29 -5.66 9.22 -0.19
N PRO A 30 -5.40 10.46 0.19
CA PRO A 30 -5.53 11.58 -0.73
C PRO A 30 -4.71 11.39 -1.99
N SER A 31 -5.25 11.82 -3.13
CA SER A 31 -4.55 11.70 -4.39
C SER A 31 -3.32 12.59 -4.44
N ASN A 32 -3.26 13.54 -3.51
CA ASN A 32 -2.11 14.45 -3.43
C ASN A 32 -1.13 14.01 -2.37
N ALA A 33 -1.39 12.84 -1.78
CA ALA A 33 -0.51 12.30 -0.74
C ALA A 33 0.77 11.74 -1.36
N SER A 34 1.87 11.88 -0.63
CA SER A 34 3.16 11.37 -1.08
C SER A 34 3.24 9.86 -0.95
N TRP A 35 4.29 9.28 -1.52
CA TRP A 35 4.52 7.84 -1.40
C TRP A 35 4.69 7.42 0.06
N GLU A 36 5.47 8.19 0.80
CA GLU A 36 5.70 7.92 2.21
C GLU A 36 4.41 8.01 3.01
N GLN A 37 3.58 9.00 2.68
CA GLN A 37 2.29 9.18 3.33
C GLN A 37 1.38 7.98 3.08
N ALA A 38 1.23 7.61 1.82
CA ALA A 38 0.41 6.46 1.44
C ALA A 38 0.94 5.18 2.07
N MET A 39 2.25 5.07 2.17
CA MET A 39 2.88 3.92 2.80
C MET A 39 2.46 3.78 4.25
N LYS A 40 2.63 4.86 5.02
CA LYS A 40 2.31 4.86 6.44
C LYS A 40 0.83 4.55 6.67
N MET A 41 -0.02 5.05 5.77
CA MET A 41 -1.45 4.79 5.84
C MET A 41 -1.75 3.29 5.78
N ILE A 42 -0.85 2.55 5.15
CA ILE A 42 -0.98 1.09 5.07
C ILE A 42 -0.33 0.41 6.26
N ILE A 43 0.84 0.89 6.65
CA ILE A 43 1.57 0.34 7.79
C ILE A 43 0.72 0.35 9.05
N ASN A 44 -0.07 1.41 9.20
CA ASN A 44 -0.86 1.60 10.42
C ASN A 44 -2.04 0.65 10.45
N ASP A 45 -2.29 -0.03 9.34
CA ASP A 45 -3.42 -0.96 9.24
C ASP A 45 -2.94 -2.38 9.02
N PRO A 46 -2.95 -3.18 10.08
CA PRO A 46 -2.45 -4.55 10.01
C PRO A 46 -3.17 -5.33 8.92
N ARG A 47 -4.37 -4.91 8.58
CA ARG A 47 -5.16 -5.56 7.53
C ARG A 47 -4.32 -5.78 6.28
N TYR A 48 -3.48 -4.81 5.96
CA TYR A 48 -2.65 -4.88 4.76
C TYR A 48 -1.17 -4.94 5.11
N SER A 49 -0.85 -5.71 6.15
CA SER A 49 0.53 -5.87 6.59
C SER A 49 1.41 -6.36 5.45
N ALA A 50 0.81 -7.10 4.52
CA ALA A 50 1.53 -7.61 3.35
C ALA A 50 1.99 -6.46 2.46
N LEU A 51 1.14 -5.45 2.31
CA LEU A 51 1.48 -4.28 1.52
C LEU A 51 2.45 -3.37 2.27
N ALA A 52 2.35 -3.36 3.60
CA ALA A 52 3.30 -2.65 4.44
C ALA A 52 4.70 -3.20 4.26
N LYS A 53 4.80 -4.52 4.12
CA LYS A 53 6.09 -5.16 3.87
C LYS A 53 6.53 -4.96 2.42
N LEU A 54 5.56 -4.92 1.52
CA LEU A 54 5.82 -4.66 0.11
C LEU A 54 6.62 -3.37 -0.06
N SER A 55 6.21 -2.33 0.65
CA SER A 55 6.87 -1.03 0.56
C SER A 55 8.30 -1.11 1.08
N GLU A 56 8.59 -2.15 1.85
CA GLU A 56 9.92 -2.32 2.42
C GLU A 56 10.82 -3.12 1.48
N LYS A 57 10.22 -3.70 0.44
CA LYS A 57 10.97 -4.49 -0.53
C LYS A 57 11.84 -3.60 -1.41
N LYS A 58 13.04 -4.05 -1.70
CA LYS A 58 13.98 -3.30 -2.54
C LYS A 58 14.90 -4.23 -3.31
N TRP A 10 -1.37 -10.15 -3.67
CA TRP A 10 -0.04 -9.57 -3.52
C TRP A 10 1.05 -10.64 -3.66
N ASN A 11 0.68 -11.75 -4.29
CA ASN A 11 1.61 -12.87 -4.45
C ASN A 11 2.80 -12.48 -5.33
N THR A 12 2.58 -11.52 -6.22
CA THR A 12 3.62 -11.06 -7.12
C THR A 12 3.82 -9.56 -6.99
N LYS A 13 4.83 -9.04 -7.70
CA LYS A 13 5.12 -7.60 -7.69
C LYS A 13 3.96 -6.80 -8.26
N GLU A 14 3.39 -7.30 -9.36
CA GLU A 14 2.26 -6.64 -10.00
C GLU A 14 1.03 -6.67 -9.10
N GLU A 15 0.81 -7.81 -8.43
CA GLU A 15 -0.30 -7.94 -7.50
C GLU A 15 -0.16 -6.96 -6.33
N ALA A 16 1.06 -6.80 -5.84
CA ALA A 16 1.33 -5.91 -4.71
C ALA A 16 1.05 -4.46 -5.10
N LYS A 17 1.48 -4.08 -6.29
CA LYS A 17 1.29 -2.71 -6.78
C LYS A 17 -0.19 -2.39 -6.93
N GLN A 18 -0.93 -3.31 -7.55
CA GLN A 18 -2.36 -3.11 -7.78
C GLN A 18 -3.13 -3.12 -6.46
N ALA A 19 -2.82 -4.09 -5.61
CA ALA A 19 -3.46 -4.19 -4.30
C ALA A 19 -3.16 -2.98 -3.43
N PHE A 20 -1.96 -2.43 -3.59
CA PHE A 20 -1.56 -1.23 -2.86
C PHE A 20 -2.43 -0.04 -3.26
N LYS A 21 -2.59 0.18 -4.55
CA LYS A 21 -3.42 1.26 -5.05
C LYS A 21 -4.86 1.09 -4.59
N GLU A 22 -5.34 -0.15 -4.58
CA GLU A 22 -6.69 -0.44 -4.11
C GLU A 22 -6.83 -0.16 -2.62
N ALA A 23 -5.83 -0.55 -1.84
CA ALA A 23 -5.82 -0.32 -0.40
C ALA A 23 -5.78 1.17 -0.09
N LEU A 24 -5.08 1.93 -0.93
CA LEU A 24 -5.03 3.38 -0.80
C LEU A 24 -6.43 3.97 -0.82
N LYS A 25 -7.27 3.50 -1.73
CA LYS A 25 -8.66 3.91 -1.78
C LYS A 25 -9.43 3.46 -0.56
N GLU A 26 -9.17 2.23 -0.12
CA GLU A 26 -9.82 1.69 1.07
C GLU A 26 -9.44 2.47 2.32
N LYS A 27 -8.27 3.10 2.28
CA LYS A 27 -7.77 3.86 3.42
C LYS A 27 -8.03 5.35 3.25
N ARG A 28 -8.77 5.70 2.19
CA ARG A 28 -9.11 7.09 1.93
C ARG A 28 -7.86 7.96 1.83
N VAL A 29 -6.82 7.42 1.21
CA VAL A 29 -5.56 8.14 1.05
C VAL A 29 -5.71 9.29 0.07
N PRO A 30 -5.40 10.50 0.52
CA PRO A 30 -5.54 11.70 -0.29
C PRO A 30 -4.77 11.56 -1.59
N SER A 31 -5.36 12.06 -2.68
CA SER A 31 -4.74 11.99 -3.99
C SER A 31 -3.49 12.88 -4.05
N ASN A 32 -3.38 13.80 -3.10
CA ASN A 32 -2.24 14.70 -3.04
C ASN A 32 -1.18 14.18 -2.08
N ALA A 33 -1.42 13.00 -1.52
CA ALA A 33 -0.47 12.38 -0.60
C ALA A 33 0.73 11.82 -1.34
N SER A 34 1.90 11.92 -0.71
CA SER A 34 3.13 11.41 -1.31
C SER A 34 3.17 9.88 -1.26
N TRP A 35 4.20 9.31 -1.90
CA TRP A 35 4.39 7.86 -1.87
C TRP A 35 4.60 7.36 -0.45
N GLU A 36 5.44 8.07 0.30
CA GLU A 36 5.73 7.69 1.68
C GLU A 36 4.49 7.82 2.56
N GLN A 37 3.72 8.87 2.34
CA GLN A 37 2.48 9.10 3.09
C GLN A 37 1.46 7.99 2.81
N ALA A 38 1.30 7.67 1.53
CA ALA A 38 0.38 6.62 1.13
C ALA A 38 0.80 5.27 1.69
N MET A 39 2.10 5.03 1.74
CA MET A 39 2.64 3.80 2.30
C MET A 39 2.34 3.69 3.79
N LYS A 40 2.57 4.78 4.52
CA LYS A 40 2.35 4.81 5.96
C LYS A 40 0.88 4.55 6.28
N MET A 41 -0.01 5.08 5.44
CA MET A 41 -1.44 4.87 5.61
C MET A 41 -1.78 3.38 5.56
N ILE A 42 -0.95 2.62 4.88
CA ILE A 42 -1.14 1.17 4.79
C ILE A 42 -0.43 0.45 5.93
N ILE A 43 0.77 0.90 6.26
CA ILE A 43 1.55 0.30 7.34
C ILE A 43 0.76 0.31 8.65
N ASN A 44 0.04 1.39 8.90
CA ASN A 44 -0.72 1.55 10.13
C ASN A 44 -1.83 0.51 10.25
N ASP A 45 -2.28 0.02 9.10
CA ASP A 45 -3.36 -0.95 9.06
C ASP A 45 -2.83 -2.38 8.94
N PRO A 46 -2.87 -3.11 10.04
CA PRO A 46 -2.32 -4.46 10.08
C PRO A 46 -2.95 -5.35 9.00
N ARG A 47 -4.18 -5.00 8.62
CA ARG A 47 -4.91 -5.77 7.62
C ARG A 47 -4.10 -5.91 6.33
N TYR A 48 -3.30 -4.90 6.03
CA TYR A 48 -2.51 -4.88 4.80
C TYR A 48 -1.01 -4.98 5.11
N SER A 49 -0.68 -5.72 6.16
CA SER A 49 0.71 -5.91 6.54
C SER A 49 1.53 -6.45 5.38
N ALA A 50 0.89 -7.23 4.52
CA ALA A 50 1.54 -7.74 3.31
C ALA A 50 1.99 -6.62 2.39
N LEU A 51 1.18 -5.56 2.33
CA LEU A 51 1.49 -4.41 1.49
C LEU A 51 2.46 -3.46 2.19
N ALA A 52 2.44 -3.49 3.51
CA ALA A 52 3.37 -2.68 4.30
C ALA A 52 4.82 -3.04 4.00
N LYS A 53 5.03 -4.29 3.57
CA LYS A 53 6.37 -4.77 3.25
C LYS A 53 6.97 -4.00 2.08
N LEU A 54 6.12 -3.36 1.30
CA LEU A 54 6.57 -2.60 0.13
C LEU A 54 7.43 -1.42 0.55
N SER A 55 7.30 -1.01 1.80
CA SER A 55 8.09 0.09 2.34
C SER A 55 9.57 -0.29 2.38
N GLU A 56 9.85 -1.58 2.38
CA GLU A 56 11.23 -2.07 2.36
C GLU A 56 11.61 -2.58 0.97
N LYS A 57 10.65 -3.16 0.28
CA LYS A 57 10.88 -3.67 -1.08
C LYS A 57 11.10 -2.53 -2.06
N LYS A 58 10.60 -1.34 -1.72
CA LYS A 58 10.75 -0.17 -2.57
C LYS A 58 11.12 1.06 -1.75
N TRP A 10 0.39 -10.74 -6.07
CA TRP A 10 1.53 -9.93 -5.69
C TRP A 10 2.84 -10.60 -6.09
N ASN A 11 2.76 -11.51 -7.05
CA ASN A 11 3.93 -12.25 -7.52
C ASN A 11 4.87 -11.33 -8.30
N THR A 12 4.31 -10.32 -8.95
CA THR A 12 5.10 -9.38 -9.72
C THR A 12 5.01 -7.97 -9.13
N LYS A 13 5.90 -7.09 -9.58
CA LYS A 13 5.88 -5.69 -9.15
C LYS A 13 4.56 -5.02 -9.52
N GLU A 14 4.01 -5.42 -10.67
CA GLU A 14 2.74 -4.88 -11.13
C GLU A 14 1.59 -5.28 -10.21
N GLU A 15 1.54 -6.57 -9.88
CA GLU A 15 0.52 -7.09 -8.98
C GLU A 15 0.62 -6.47 -7.61
N ALA A 16 1.85 -6.22 -7.16
CA ALA A 16 2.08 -5.57 -5.87
C ALA A 16 1.53 -4.16 -5.86
N LYS A 17 1.78 -3.43 -6.95
CA LYS A 17 1.28 -2.06 -7.07
C LYS A 17 -0.25 -2.03 -7.12
N GLN A 18 -0.83 -3.04 -7.75
CA GLN A 18 -2.29 -3.15 -7.83
C GLN A 18 -2.90 -3.34 -6.45
N ALA A 19 -2.30 -4.21 -5.65
CA ALA A 19 -2.73 -4.43 -4.28
C ALA A 19 -2.60 -3.16 -3.45
N PHE A 20 -1.51 -2.43 -3.66
CA PHE A 20 -1.29 -1.16 -2.99
C PHE A 20 -2.40 -0.16 -3.30
N LYS A 21 -2.74 -0.05 -4.58
CA LYS A 21 -3.78 0.87 -5.02
C LYS A 21 -5.13 0.52 -4.40
N GLU A 22 -5.41 -0.78 -4.32
CA GLU A 22 -6.65 -1.26 -3.72
C GLU A 22 -6.75 -0.80 -2.26
N ALA A 23 -5.67 -0.98 -1.51
CA ALA A 23 -5.62 -0.54 -0.12
C ALA A 23 -5.71 0.98 -0.02
N LEU A 24 -5.08 1.67 -0.96
CA LEU A 24 -5.11 3.12 -1.00
C LEU A 24 -6.53 3.64 -1.15
N LYS A 25 -7.34 2.92 -1.93
CA LYS A 25 -8.75 3.27 -2.09
C LYS A 25 -9.53 2.98 -0.81
N GLU A 26 -9.25 1.85 -0.17
CA GLU A 26 -9.90 1.49 1.07
C GLU A 26 -9.54 2.45 2.19
N LYS A 27 -8.36 3.06 2.08
CA LYS A 27 -7.90 4.01 3.09
C LYS A 27 -8.19 5.44 2.64
N ARG A 28 -8.90 5.59 1.54
CA ARG A 28 -9.21 6.90 0.99
C ARG A 28 -8.01 7.83 1.07
N VAL A 29 -6.89 7.40 0.49
CA VAL A 29 -5.67 8.18 0.51
C VAL A 29 -5.81 9.45 -0.33
N PRO A 30 -5.61 10.60 0.30
CA PRO A 30 -5.78 11.89 -0.37
C PRO A 30 -4.93 11.96 -1.63
N SER A 31 -5.47 12.59 -2.67
CA SER A 31 -4.76 12.74 -3.93
C SER A 31 -3.55 13.65 -3.78
N ASN A 32 -3.54 14.43 -2.70
CA ASN A 32 -2.43 15.34 -2.42
C ASN A 32 -1.32 14.64 -1.65
N ALA A 33 -1.62 13.44 -1.15
CA ALA A 33 -0.64 12.67 -0.39
C ALA A 33 0.38 12.01 -1.32
N SER A 34 1.61 11.91 -0.86
CA SER A 34 2.67 11.28 -1.63
C SER A 34 2.59 9.76 -1.55
N TRP A 35 3.32 9.08 -2.42
CA TRP A 35 3.38 7.63 -2.41
C TRP A 35 3.87 7.10 -1.06
N GLU A 36 4.93 7.73 -0.56
CA GLU A 36 5.48 7.36 0.75
C GLU A 36 4.40 7.37 1.82
N GLN A 37 3.60 8.44 1.84
CA GLN A 37 2.52 8.57 2.81
C GLN A 37 1.42 7.55 2.55
N ALA A 38 1.11 7.33 1.28
CA ALA A 38 0.12 6.33 0.90
C ALA A 38 0.46 4.96 1.45
N MET A 39 1.76 4.64 1.48
CA MET A 39 2.23 3.38 2.02
C MET A 39 2.17 3.38 3.53
N LYS A 40 2.58 4.49 4.15
CA LYS A 40 2.56 4.61 5.59
C LYS A 40 1.15 4.44 6.14
N MET A 41 0.16 4.80 5.34
CA MET A 41 -1.23 4.74 5.76
C MET A 41 -1.73 3.29 5.82
N ILE A 42 -1.03 2.41 5.11
CA ILE A 42 -1.37 0.99 5.10
C ILE A 42 -0.35 0.17 5.85
N ILE A 43 0.80 0.77 6.15
CA ILE A 43 1.82 0.13 6.98
C ILE A 43 1.47 0.23 8.45
N ASN A 44 1.01 1.41 8.88
CA ASN A 44 0.58 1.62 10.25
C ASN A 44 -0.71 0.87 10.55
N ASP A 45 -1.45 0.54 9.49
CA ASP A 45 -2.70 -0.21 9.64
C ASP A 45 -2.46 -1.70 9.63
N PRO A 46 -2.60 -2.34 10.79
CA PRO A 46 -2.32 -3.76 10.93
C PRO A 46 -3.10 -4.58 9.92
N ARG A 47 -4.25 -4.06 9.49
CA ARG A 47 -5.11 -4.77 8.55
C ARG A 47 -4.38 -5.06 7.24
N TYR A 48 -3.44 -4.19 6.90
CA TYR A 48 -2.67 -4.35 5.66
C TYR A 48 -1.20 -4.60 5.95
N SER A 49 -0.93 -5.26 7.07
CA SER A 49 0.44 -5.62 7.44
C SER A 49 1.08 -6.50 6.37
N ALA A 50 0.25 -7.20 5.61
CA ALA A 50 0.72 -8.02 4.50
C ALA A 50 1.33 -7.15 3.40
N LEU A 51 0.74 -5.98 3.19
CA LEU A 51 1.25 -5.04 2.21
C LEU A 51 2.47 -4.28 2.74
N ALA A 52 2.49 -4.07 4.05
CA ALA A 52 3.67 -3.48 4.70
C ALA A 52 4.92 -4.31 4.44
N LYS A 53 4.76 -5.63 4.51
CA LYS A 53 5.85 -6.54 4.19
C LYS A 53 6.09 -6.61 2.69
N LEU A 54 5.02 -6.53 1.93
CA LEU A 54 5.11 -6.59 0.47
C LEU A 54 6.00 -5.48 -0.09
N SER A 55 5.91 -4.31 0.54
CA SER A 55 6.70 -3.16 0.10
C SER A 55 8.20 -3.43 0.23
N GLU A 56 8.55 -4.45 1.01
CA GLU A 56 9.94 -4.86 1.16
C GLU A 56 10.24 -6.10 0.32
N LYS A 57 9.25 -6.98 0.19
CA LYS A 57 9.41 -8.19 -0.59
C LYS A 57 9.56 -7.89 -2.08
N LYS A 58 8.93 -6.80 -2.52
CA LYS A 58 8.96 -6.42 -3.91
C LYS A 58 8.96 -4.89 -4.07
N TRP A 10 1.29 -11.83 -4.01
CA TRP A 10 1.32 -11.20 -5.32
C TRP A 10 2.02 -12.09 -6.35
N ASN A 11 1.33 -12.37 -7.45
CA ASN A 11 1.89 -13.19 -8.51
C ASN A 11 3.02 -12.46 -9.23
N THR A 12 2.79 -11.19 -9.55
CA THR A 12 3.80 -10.36 -10.20
C THR A 12 3.95 -9.02 -9.51
N LYS A 13 4.92 -8.23 -9.97
CA LYS A 13 5.12 -6.88 -9.45
C LYS A 13 3.89 -6.01 -9.69
N GLU A 14 3.21 -6.25 -10.80
CA GLU A 14 2.00 -5.51 -11.14
C GLU A 14 0.86 -5.87 -10.20
N GLU A 15 0.84 -7.11 -9.75
CA GLU A 15 -0.14 -7.57 -8.77
C GLU A 15 0.07 -6.89 -7.42
N ALA A 16 1.33 -6.71 -7.04
CA ALA A 16 1.67 -5.99 -5.83
C ALA A 16 1.26 -4.53 -5.92
N LYS A 17 1.44 -3.95 -7.10
CA LYS A 17 1.01 -2.57 -7.35
C LYS A 17 -0.50 -2.43 -7.22
N GLN A 18 -1.23 -3.39 -7.77
CA GLN A 18 -2.68 -3.41 -7.67
C GLN A 18 -3.13 -3.47 -6.22
N ALA A 19 -2.43 -4.28 -5.42
CA ALA A 19 -2.71 -4.38 -4.00
C ALA A 19 -2.51 -3.04 -3.29
N PHE A 20 -1.43 -2.34 -3.65
CA PHE A 20 -1.16 -1.03 -3.11
C PHE A 20 -2.28 -0.04 -3.43
N LYS A 21 -2.73 -0.05 -4.68
CA LYS A 21 -3.78 0.85 -5.12
C LYS A 21 -5.08 0.59 -4.37
N GLU A 22 -5.43 -0.69 -4.23
CA GLU A 22 -6.65 -1.06 -3.52
C GLU A 22 -6.59 -0.66 -2.05
N ALA A 23 -5.41 -0.84 -1.45
CA ALA A 23 -5.20 -0.45 -0.05
C ALA A 23 -5.31 1.06 0.11
N LEU A 24 -4.78 1.79 -0.86
CA LEU A 24 -4.85 3.25 -0.84
C LEU A 24 -6.29 3.73 -0.90
N LYS A 25 -7.11 3.02 -1.67
CA LYS A 25 -8.55 3.31 -1.74
C LYS A 25 -9.24 3.02 -0.42
N GLU A 26 -8.88 1.90 0.19
CA GLU A 26 -9.46 1.50 1.46
C GLU A 26 -9.11 2.52 2.56
N LYS A 27 -7.94 3.14 2.43
CA LYS A 27 -7.48 4.11 3.41
C LYS A 27 -7.75 5.53 2.93
N ARG A 28 -8.52 5.66 1.86
CA ARG A 28 -8.86 6.96 1.30
C ARG A 28 -7.65 7.90 1.32
N VAL A 29 -6.55 7.45 0.72
CA VAL A 29 -5.32 8.25 0.68
C VAL A 29 -5.48 9.45 -0.23
N PRO A 30 -5.28 10.64 0.34
CA PRO A 30 -5.47 11.88 -0.41
C PRO A 30 -4.63 11.89 -1.68
N SER A 31 -5.17 12.48 -2.74
CA SER A 31 -4.46 12.56 -4.02
C SER A 31 -3.27 13.50 -3.93
N ASN A 32 -3.25 14.32 -2.88
CA ASN A 32 -2.16 15.26 -2.67
C ASN A 32 -1.11 14.67 -1.73
N ALA A 33 -1.35 13.46 -1.26
CA ALA A 33 -0.41 12.77 -0.37
C ALA A 33 0.73 12.13 -1.16
N SER A 34 1.92 12.12 -0.56
CA SER A 34 3.08 11.53 -1.21
C SER A 34 3.01 10.01 -1.17
N TRP A 35 3.92 9.37 -1.89
CA TRP A 35 4.00 7.90 -1.89
C TRP A 35 4.35 7.37 -0.51
N GLU A 36 5.27 8.06 0.17
CA GLU A 36 5.62 7.70 1.55
C GLU A 36 4.40 7.73 2.45
N GLN A 37 3.62 8.81 2.35
CA GLN A 37 2.39 8.94 3.13
C GLN A 37 1.39 7.85 2.77
N ALA A 38 1.25 7.59 1.48
CA ALA A 38 0.34 6.56 1.00
C ALA A 38 0.63 5.22 1.65
N MET A 39 1.91 4.88 1.77
CA MET A 39 2.33 3.64 2.40
C MET A 39 2.02 3.64 3.89
N LYS A 40 2.36 4.74 4.54
CA LYS A 40 2.15 4.87 5.99
C LYS A 40 0.68 4.68 6.34
N MET A 41 -0.20 5.12 5.45
CA MET A 41 -1.65 4.99 5.66
C MET A 41 -2.06 3.53 5.74
N ILE A 42 -1.38 2.69 4.96
CA ILE A 42 -1.73 1.27 4.89
C ILE A 42 -0.83 0.42 5.78
N ILE A 43 0.26 1.03 6.25
CA ILE A 43 1.14 0.38 7.21
C ILE A 43 0.50 0.34 8.60
N ASN A 44 -0.24 1.38 8.93
CA ASN A 44 -0.95 1.45 10.21
C ASN A 44 -2.14 0.50 10.23
N ASP A 45 -2.56 0.05 9.05
CA ASP A 45 -3.67 -0.89 8.93
C ASP A 45 -3.16 -2.32 8.92
N PRO A 46 -3.43 -3.04 10.00
CA PRO A 46 -2.92 -4.41 10.17
C PRO A 46 -3.42 -5.31 9.05
N ARG A 47 -4.49 -4.90 8.38
CA ARG A 47 -5.08 -5.69 7.32
C ARG A 47 -4.16 -5.77 6.11
N TYR A 48 -3.30 -4.77 5.96
CA TYR A 48 -2.35 -4.72 4.85
C TYR A 48 -0.92 -4.83 5.36
N SER A 49 -0.72 -5.57 6.43
CA SER A 49 0.61 -5.79 6.99
C SER A 49 1.54 -6.42 5.95
N ALA A 50 0.95 -7.14 5.01
CA ALA A 50 1.72 -7.74 3.92
C ALA A 50 2.37 -6.66 3.04
N LEU A 51 1.63 -5.59 2.78
CA LEU A 51 2.16 -4.46 2.03
C LEU A 51 3.12 -3.65 2.87
N ALA A 52 2.86 -3.58 4.18
CA ALA A 52 3.74 -2.89 5.12
C ALA A 52 5.13 -3.52 5.11
N LYS A 53 5.17 -4.85 5.06
CA LYS A 53 6.44 -5.57 4.98
C LYS A 53 7.06 -5.46 3.60
N LEU A 54 6.22 -5.54 2.57
CA LEU A 54 6.68 -5.45 1.19
C LEU A 54 7.43 -4.14 0.95
N SER A 55 6.92 -3.06 1.53
CA SER A 55 7.53 -1.75 1.38
C SER A 55 8.95 -1.73 1.94
N GLU A 56 9.25 -2.68 2.80
CA GLU A 56 10.58 -2.82 3.36
C GLU A 56 11.41 -3.84 2.59
N LYS A 57 10.73 -4.85 2.05
CA LYS A 57 11.39 -5.87 1.25
C LYS A 57 11.98 -5.29 -0.03
N LYS A 58 11.29 -4.31 -0.60
CA LYS A 58 11.75 -3.66 -1.83
C LYS A 58 11.10 -2.30 -2.00
N TRP A 10 0.64 -10.75 -6.13
CA TRP A 10 1.75 -9.93 -5.66
C TRP A 10 3.08 -10.49 -6.13
N ASN A 11 3.05 -11.29 -7.19
CA ASN A 11 4.25 -11.92 -7.72
C ASN A 11 5.03 -10.97 -8.62
N THR A 12 4.36 -9.91 -9.06
CA THR A 12 4.99 -8.91 -9.91
C THR A 12 4.84 -7.52 -9.33
N LYS A 13 5.57 -6.56 -9.89
CA LYS A 13 5.49 -5.17 -9.45
C LYS A 13 4.11 -4.58 -9.73
N GLU A 14 3.50 -5.03 -10.82
CA GLU A 14 2.16 -4.58 -11.19
C GLU A 14 1.11 -5.08 -10.21
N GLU A 15 1.21 -6.36 -9.85
CA GLU A 15 0.28 -6.96 -8.90
C GLU A 15 0.45 -6.36 -7.51
N ALA A 16 1.69 -6.07 -7.14
CA ALA A 16 1.99 -5.45 -5.86
C ALA A 16 1.38 -4.05 -5.76
N LYS A 17 1.60 -3.25 -6.80
CA LYS A 17 1.07 -1.89 -6.83
C LYS A 17 -0.45 -1.89 -6.91
N GLN A 18 -1.00 -2.90 -7.58
CA GLN A 18 -2.45 -3.06 -7.67
C GLN A 18 -3.07 -3.26 -6.29
N ALA A 19 -2.50 -4.17 -5.51
CA ALA A 19 -2.96 -4.41 -4.15
C ALA A 19 -2.76 -3.18 -3.28
N PHE A 20 -1.67 -2.47 -3.50
CA PHE A 20 -1.40 -1.22 -2.80
C PHE A 20 -2.50 -0.19 -3.06
N LYS A 21 -2.88 -0.04 -4.32
CA LYS A 21 -3.93 0.90 -4.70
C LYS A 21 -5.26 0.53 -4.05
N GLU A 22 -5.54 -0.76 -3.96
CA GLU A 22 -6.75 -1.24 -3.30
C GLU A 22 -6.79 -0.81 -1.85
N ALA A 23 -5.68 -1.00 -1.15
CA ALA A 23 -5.56 -0.57 0.24
C ALA A 23 -5.63 0.95 0.36
N LEU A 24 -5.06 1.63 -0.63
CA LEU A 24 -5.07 3.08 -0.66
C LEU A 24 -6.49 3.62 -0.75
N LYS A 25 -7.34 2.93 -1.50
CA LYS A 25 -8.75 3.29 -1.59
C LYS A 25 -9.47 3.05 -0.26
N GLU A 26 -9.16 1.93 0.39
CA GLU A 26 -9.74 1.61 1.68
C GLU A 26 -9.33 2.64 2.73
N LYS A 27 -8.13 3.19 2.58
CA LYS A 27 -7.61 4.18 3.52
C LYS A 27 -7.85 5.59 3.01
N ARG A 28 -8.68 5.71 1.99
CA ARG A 28 -8.99 7.02 1.41
C ARG A 28 -7.76 7.91 1.35
N VAL A 29 -6.71 7.41 0.71
CA VAL A 29 -5.47 8.16 0.58
C VAL A 29 -5.60 9.29 -0.43
N PRO A 30 -5.39 10.52 0.03
CA PRO A 30 -5.57 11.69 -0.82
C PRO A 30 -4.73 11.59 -2.09
N SER A 31 -5.26 12.11 -3.19
CA SER A 31 -4.55 12.10 -4.46
C SER A 31 -3.32 13.00 -4.41
N ASN A 32 -3.27 13.87 -3.41
CA ASN A 32 -2.15 14.78 -3.25
C ASN A 32 -1.08 14.19 -2.33
N ALA A 33 -1.37 13.02 -1.78
CA ALA A 33 -0.43 12.33 -0.90
C ALA A 33 0.66 11.62 -1.71
N SER A 34 1.87 11.60 -1.17
CA SER A 34 3.00 10.97 -1.84
C SER A 34 2.93 9.46 -1.74
N TRP A 35 3.70 8.77 -2.58
CA TRP A 35 3.78 7.32 -2.54
C TRP A 35 4.19 6.83 -1.15
N GLU A 36 5.21 7.47 -0.59
CA GLU A 36 5.68 7.12 0.75
C GLU A 36 4.57 7.22 1.78
N GLN A 37 3.85 8.34 1.74
CA GLN A 37 2.74 8.57 2.65
C GLN A 37 1.64 7.52 2.46
N ALA A 38 1.41 7.15 1.21
CA ALA A 38 0.42 6.11 0.89
C ALA A 38 0.81 4.77 1.50
N MET A 39 2.10 4.47 1.46
CA MET A 39 2.62 3.23 2.04
C MET A 39 2.52 3.25 3.56
N LYS A 40 2.71 4.43 4.14
CA LYS A 40 2.61 4.61 5.58
C LYS A 40 1.19 4.30 6.07
N MET A 41 0.21 4.67 5.27
CA MET A 41 -1.18 4.37 5.58
C MET A 41 -1.43 2.87 5.61
N ILE A 42 -0.81 2.15 4.67
CA ILE A 42 -0.88 0.70 4.64
C ILE A 42 -0.21 0.09 5.86
N ILE A 43 0.93 0.65 6.24
CA ILE A 43 1.68 0.16 7.39
C ILE A 43 0.90 0.35 8.69
N ASN A 44 0.26 1.50 8.82
CA ASN A 44 -0.45 1.85 10.04
C ASN A 44 -1.63 0.91 10.26
N ASP A 45 -2.20 0.41 9.17
CA ASP A 45 -3.37 -0.47 9.25
C ASP A 45 -2.93 -1.94 9.30
N PRO A 46 -3.06 -2.54 10.47
CA PRO A 46 -2.63 -3.93 10.67
C PRO A 46 -3.31 -4.86 9.68
N ARG A 47 -4.49 -4.46 9.21
CA ARG A 47 -5.26 -5.28 8.29
C ARG A 47 -4.50 -5.52 6.98
N TYR A 48 -3.63 -4.57 6.64
CA TYR A 48 -2.83 -4.67 5.42
C TYR A 48 -1.35 -4.80 5.74
N SER A 49 -1.05 -5.40 6.89
CA SER A 49 0.33 -5.62 7.30
C SER A 49 1.07 -6.49 6.30
N ALA A 50 0.31 -7.32 5.57
CA ALA A 50 0.88 -8.14 4.51
C ALA A 50 1.42 -7.28 3.37
N LEU A 51 0.71 -6.19 3.07
CA LEU A 51 1.15 -5.24 2.05
C LEU A 51 2.28 -4.37 2.57
N ALA A 52 2.25 -4.07 3.87
CA ALA A 52 3.34 -3.34 4.51
C ALA A 52 4.66 -4.08 4.36
N LYS A 53 4.61 -5.40 4.51
CA LYS A 53 5.79 -6.23 4.30
C LYS A 53 6.13 -6.34 2.81
N LEU A 54 5.10 -6.46 1.99
CA LEU A 54 5.28 -6.54 0.54
C LEU A 54 6.11 -5.37 0.02
N SER A 55 5.82 -4.17 0.53
CA SER A 55 6.51 -2.97 0.10
C SER A 55 7.99 -3.02 0.49
N GLU A 56 8.32 -3.88 1.45
CA GLU A 56 9.70 -4.03 1.90
C GLU A 56 10.39 -5.17 1.15
N LYS A 57 9.58 -6.07 0.58
CA LYS A 57 10.12 -7.20 -0.17
C LYS A 57 10.74 -6.74 -1.48
N LYS A 58 11.87 -7.35 -1.84
CA LYS A 58 12.58 -6.99 -3.07
C LYS A 58 13.40 -8.17 -3.58
N TRP A 10 2.81 -11.72 -2.51
CA TRP A 10 2.54 -11.66 -3.94
C TRP A 10 3.73 -12.17 -4.74
N ASN A 11 3.44 -12.96 -5.77
CA ASN A 11 4.48 -13.50 -6.63
C ASN A 11 4.68 -12.63 -7.88
N THR A 12 3.92 -11.55 -7.96
CA THR A 12 4.01 -10.64 -9.09
C THR A 12 4.04 -9.19 -8.63
N LYS A 13 5.01 -8.44 -9.16
CA LYS A 13 5.18 -7.04 -8.77
C LYS A 13 3.97 -6.20 -9.18
N GLU A 14 3.47 -6.44 -10.39
CA GLU A 14 2.33 -5.70 -10.91
C GLU A 14 1.09 -5.95 -10.06
N GLU A 15 0.90 -7.19 -9.63
CA GLU A 15 -0.23 -7.55 -8.80
C GLU A 15 -0.14 -6.88 -7.43
N ALA A 16 1.07 -6.81 -6.90
CA ALA A 16 1.32 -6.12 -5.63
C ALA A 16 1.00 -4.62 -5.76
N LYS A 17 1.40 -4.03 -6.87
CA LYS A 17 1.12 -2.62 -7.13
C LYS A 17 -0.37 -2.35 -7.17
N GLN A 18 -1.12 -3.26 -7.78
CA GLN A 18 -2.57 -3.16 -7.81
C GLN A 18 -3.16 -3.22 -6.41
N ALA A 19 -2.63 -4.12 -5.58
CA ALA A 19 -3.06 -4.25 -4.20
C ALA A 19 -2.76 -2.98 -3.41
N PHE A 20 -1.62 -2.36 -3.71
CA PHE A 20 -1.25 -1.10 -3.08
C PHE A 20 -2.24 -0.01 -3.40
N LYS A 21 -2.67 0.05 -4.66
CA LYS A 21 -3.66 1.03 -5.09
C LYS A 21 -5.01 0.79 -4.43
N GLU A 22 -5.37 -0.48 -4.29
CA GLU A 22 -6.62 -0.85 -3.63
C GLU A 22 -6.63 -0.42 -2.17
N ALA A 23 -5.52 -0.67 -1.48
CA ALA A 23 -5.39 -0.26 -0.09
C ALA A 23 -5.37 1.25 0.05
N LEU A 24 -4.69 1.92 -0.88
CA LEU A 24 -4.68 3.38 -0.92
C LEU A 24 -6.09 3.95 -0.94
N LYS A 25 -6.95 3.36 -1.77
CA LYS A 25 -8.35 3.78 -1.86
C LYS A 25 -9.11 3.40 -0.60
N GLU A 26 -8.79 2.22 -0.05
CA GLU A 26 -9.43 1.75 1.16
C GLU A 26 -9.15 2.69 2.33
N LYS A 27 -7.98 3.30 2.32
CA LYS A 27 -7.60 4.23 3.37
C LYS A 27 -7.91 5.67 2.97
N ARG A 28 -8.65 5.83 1.88
CA ARG A 28 -9.01 7.15 1.39
C ARG A 28 -7.85 8.13 1.51
N VAL A 29 -6.71 7.75 0.94
CA VAL A 29 -5.53 8.60 0.97
C VAL A 29 -5.68 9.79 0.04
N PRO A 30 -5.61 10.99 0.60
CA PRO A 30 -5.82 12.21 -0.17
C PRO A 30 -4.87 12.28 -1.37
N SER A 31 -5.36 12.85 -2.46
CA SER A 31 -4.56 12.99 -3.67
C SER A 31 -3.39 13.94 -3.44
N ASN A 32 -3.47 14.74 -2.38
CA ASN A 32 -2.41 15.69 -2.05
C ASN A 32 -1.32 15.01 -1.23
N ALA A 33 -1.59 13.80 -0.76
CA ALA A 33 -0.63 13.04 0.02
C ALA A 33 0.45 12.43 -0.88
N SER A 34 1.67 12.36 -0.36
CA SER A 34 2.79 11.81 -1.11
C SER A 34 2.69 10.30 -1.22
N TRP A 35 3.53 9.71 -2.07
CA TRP A 35 3.59 8.26 -2.21
C TRP A 35 3.95 7.59 -0.90
N GLU A 36 4.96 8.13 -0.23
CA GLU A 36 5.39 7.59 1.06
C GLU A 36 4.28 7.69 2.10
N GLN A 37 3.56 8.80 2.08
CA GLN A 37 2.42 8.98 2.97
C GLN A 37 1.36 7.91 2.75
N ALA A 38 1.09 7.61 1.49
CA ALA A 38 0.15 6.56 1.12
C ALA A 38 0.60 5.20 1.66
N MET A 39 1.90 4.93 1.52
CA MET A 39 2.47 3.68 2.01
C MET A 39 2.34 3.56 3.52
N LYS A 40 2.50 4.68 4.21
CA LYS A 40 2.38 4.72 5.66
C LYS A 40 0.96 4.43 6.11
N MET A 41 -0.01 5.01 5.40
CA MET A 41 -1.42 4.78 5.69
C MET A 41 -1.77 3.30 5.56
N ILE A 42 -1.13 2.63 4.60
CA ILE A 42 -1.36 1.21 4.39
C ILE A 42 -0.67 0.37 5.46
N ILE A 43 0.59 0.71 5.75
CA ILE A 43 1.36 -0.02 6.75
C ILE A 43 0.67 0.01 8.11
N ASN A 44 0.10 1.16 8.45
CA ASN A 44 -0.54 1.33 9.74
C ASN A 44 -1.74 0.41 9.91
N ASP A 45 -2.27 -0.05 8.78
CA ASP A 45 -3.43 -0.93 8.79
C ASP A 45 -3.01 -2.40 8.82
N PRO A 46 -3.25 -3.05 9.95
CA PRO A 46 -2.85 -4.44 10.12
C PRO A 46 -3.44 -5.33 9.04
N ARG A 47 -4.57 -4.91 8.49
CA ARG A 47 -5.26 -5.68 7.46
C ARG A 47 -4.40 -5.82 6.21
N TYR A 48 -3.48 -4.87 6.02
CA TYR A 48 -2.58 -4.89 4.88
C TYR A 48 -1.13 -5.08 5.32
N SER A 49 -0.94 -5.86 6.39
CA SER A 49 0.40 -6.15 6.88
C SER A 49 1.25 -6.83 5.82
N ALA A 50 0.58 -7.49 4.87
CA ALA A 50 1.27 -8.10 3.74
C ALA A 50 1.91 -7.03 2.85
N LEU A 51 1.16 -5.98 2.56
CA LEU A 51 1.67 -4.86 1.77
C LEU A 51 2.78 -4.12 2.50
N ALA A 52 2.66 -4.05 3.83
CA ALA A 52 3.68 -3.43 4.65
C ALA A 52 5.05 -4.06 4.42
N LYS A 53 5.05 -5.36 4.10
CA LYS A 53 6.28 -6.08 3.81
C LYS A 53 6.63 -5.99 2.34
N LEU A 54 5.62 -6.02 1.49
CA LEU A 54 5.82 -5.94 0.05
C LEU A 54 6.38 -4.57 -0.36
N SER A 55 6.22 -3.60 0.53
CA SER A 55 6.74 -2.26 0.29
C SER A 55 8.26 -2.26 0.18
N GLU A 56 8.87 -3.34 0.67
CA GLU A 56 10.32 -3.49 0.59
C GLU A 56 10.70 -4.67 -0.30
N LYS A 57 9.85 -5.70 -0.29
CA LYS A 57 10.09 -6.90 -1.08
C LYS A 57 9.91 -6.63 -2.57
N LYS A 58 9.07 -5.64 -2.88
CA LYS A 58 8.79 -5.30 -4.27
C LYS A 58 9.42 -3.97 -4.65
N TRP A 10 0.39 -10.62 -6.37
CA TRP A 10 1.51 -9.74 -6.03
C TRP A 10 2.84 -10.38 -6.38
N ASN A 11 2.81 -11.30 -7.34
CA ASN A 11 4.02 -12.01 -7.76
C ASN A 11 4.88 -11.14 -8.67
N THR A 12 4.23 -10.26 -9.44
CA THR A 12 4.94 -9.36 -10.33
C THR A 12 4.91 -7.93 -9.82
N LYS A 13 5.68 -7.06 -10.46
CA LYS A 13 5.73 -5.65 -10.09
C LYS A 13 4.37 -4.98 -10.33
N GLU A 14 3.70 -5.39 -11.39
CA GLU A 14 2.39 -4.84 -11.72
C GLU A 14 1.35 -5.26 -10.70
N GLU A 15 1.37 -6.53 -10.30
CA GLU A 15 0.45 -7.05 -9.29
C GLU A 15 0.70 -6.41 -7.94
N ALA A 16 1.97 -6.17 -7.63
CA ALA A 16 2.34 -5.53 -6.37
C ALA A 16 1.83 -4.10 -6.30
N LYS A 17 1.99 -3.36 -7.40
CA LYS A 17 1.50 -2.00 -7.48
C LYS A 17 -0.01 -1.94 -7.39
N GLN A 18 -0.67 -2.90 -8.01
CA GLN A 18 -2.13 -2.98 -7.98
C GLN A 18 -2.64 -3.22 -6.56
N ALA A 19 -1.99 -4.16 -5.87
CA ALA A 19 -2.36 -4.47 -4.49
C ALA A 19 -2.10 -3.29 -3.57
N PHE A 20 -1.02 -2.57 -3.82
CA PHE A 20 -0.70 -1.35 -3.08
C PHE A 20 -1.80 -0.31 -3.24
N LYS A 21 -2.19 -0.07 -4.49
CA LYS A 21 -3.23 0.91 -4.79
C LYS A 21 -4.58 0.49 -4.22
N GLU A 22 -4.79 -0.82 -4.14
CA GLU A 22 -5.99 -1.36 -3.54
C GLU A 22 -6.14 -0.94 -2.09
N ALA A 23 -5.09 -1.22 -1.30
CA ALA A 23 -5.07 -0.81 0.10
C ALA A 23 -5.06 0.71 0.24
N LEU A 24 -4.38 1.38 -0.69
CA LEU A 24 -4.36 2.83 -0.73
C LEU A 24 -5.77 3.40 -0.70
N LYS A 25 -6.61 2.93 -1.62
CA LYS A 25 -8.00 3.38 -1.70
C LYS A 25 -8.79 2.93 -0.48
N GLU A 26 -8.55 1.70 -0.05
CA GLU A 26 -9.25 1.15 1.10
C GLU A 26 -8.81 1.84 2.39
N LYS A 27 -7.66 2.49 2.34
CA LYS A 27 -7.15 3.23 3.49
C LYS A 27 -7.57 4.69 3.44
N ARG A 28 -8.32 5.05 2.40
CA ARG A 28 -8.78 6.42 2.23
C ARG A 28 -7.61 7.39 2.17
N VAL A 29 -6.57 7.00 1.45
CA VAL A 29 -5.39 7.86 1.29
C VAL A 29 -5.68 9.02 0.35
N PRO A 30 -5.44 10.24 0.82
CA PRO A 30 -5.70 11.42 0.02
C PRO A 30 -4.99 11.37 -1.32
N SER A 31 -5.62 11.89 -2.36
CA SER A 31 -5.06 11.88 -3.70
C SER A 31 -3.84 12.80 -3.79
N ASN A 32 -3.68 13.66 -2.80
CA ASN A 32 -2.56 14.59 -2.75
C ASN A 32 -1.38 14.01 -1.99
N ALA A 33 -1.56 12.80 -1.47
CA ALA A 33 -0.51 12.11 -0.73
C ALA A 33 0.45 11.39 -1.67
N SER A 34 1.72 11.38 -1.29
CA SER A 34 2.75 10.72 -2.09
C SER A 34 2.68 9.20 -1.94
N TRP A 35 3.45 8.49 -2.75
CA TRP A 35 3.53 7.04 -2.66
C TRP A 35 4.01 6.60 -1.28
N GLU A 36 5.03 7.27 -0.77
CA GLU A 36 5.59 6.95 0.53
C GLU A 36 4.60 7.22 1.65
N GLN A 37 3.90 8.35 1.55
CA GLN A 37 2.89 8.71 2.53
C GLN A 37 1.73 7.72 2.53
N ALA A 38 1.35 7.27 1.33
CA ALA A 38 0.34 6.22 1.20
C ALA A 38 0.81 4.93 1.86
N MET A 39 2.05 4.55 1.62
CA MET A 39 2.63 3.37 2.25
C MET A 39 2.57 3.47 3.76
N LYS A 40 2.94 4.62 4.29
CA LYS A 40 2.95 4.84 5.73
C LYS A 40 1.55 4.64 6.32
N MET A 41 0.54 5.18 5.66
CA MET A 41 -0.84 5.03 6.10
C MET A 41 -1.27 3.56 6.08
N ILE A 42 -0.84 2.85 5.04
CA ILE A 42 -1.11 1.42 4.93
C ILE A 42 -0.45 0.64 6.06
N ILE A 43 0.78 1.03 6.39
CA ILE A 43 1.52 0.39 7.47
C ILE A 43 0.84 0.60 8.82
N ASN A 44 0.35 1.82 9.03
CA ASN A 44 -0.28 2.17 10.29
C ASN A 44 -1.52 1.33 10.57
N ASP A 45 -2.13 0.84 9.50
CA ASP A 45 -3.32 0.00 9.61
C ASP A 45 -2.95 -1.48 9.67
N PRO A 46 -3.04 -2.06 10.86
CA PRO A 46 -2.65 -3.44 11.08
C PRO A 46 -3.38 -4.38 10.12
N ARG A 47 -4.59 -4.00 9.73
CA ARG A 47 -5.40 -4.81 8.85
C ARG A 47 -4.76 -4.95 7.47
N TYR A 48 -4.02 -3.93 7.07
CA TYR A 48 -3.39 -3.91 5.76
C TYR A 48 -1.91 -4.29 5.85
N SER A 49 -1.56 -5.01 6.92
CA SER A 49 -0.18 -5.43 7.14
C SER A 49 0.32 -6.29 5.99
N ALA A 50 -0.61 -6.94 5.29
CA ALA A 50 -0.27 -7.74 4.12
C ALA A 50 0.37 -6.89 3.03
N LEU A 51 -0.09 -5.64 2.92
CA LEU A 51 0.45 -4.71 1.94
C LEU A 51 1.65 -3.96 2.50
N ALA A 52 1.63 -3.74 3.82
CA ALA A 52 2.78 -3.14 4.50
C ALA A 52 4.05 -3.94 4.27
N LYS A 53 3.92 -5.26 4.31
CA LYS A 53 5.05 -6.15 4.05
C LYS A 53 5.38 -6.22 2.56
N LEU A 54 4.34 -6.16 1.73
CA LEU A 54 4.53 -6.15 0.29
C LEU A 54 5.42 -5.00 -0.15
N SER A 55 5.20 -3.83 0.43
CA SER A 55 5.98 -2.64 0.09
C SER A 55 7.45 -2.82 0.49
N GLU A 56 7.70 -3.74 1.42
CA GLU A 56 9.05 -4.01 1.87
C GLU A 56 9.75 -5.02 0.96
N LYS A 57 8.99 -5.58 0.03
CA LYS A 57 9.54 -6.54 -0.93
C LYS A 57 9.94 -5.84 -2.23
N LYS A 58 9.71 -4.53 -2.28
CA LYS A 58 10.03 -3.75 -3.48
C LYS A 58 11.44 -3.19 -3.40
N TRP A 10 6.86 -9.50 -3.49
CA TRP A 10 5.92 -9.97 -4.48
C TRP A 10 6.64 -10.55 -5.70
N ASN A 11 6.15 -11.68 -6.19
CA ASN A 11 6.72 -12.31 -7.38
C ASN A 11 6.29 -11.57 -8.64
N THR A 12 5.23 -10.78 -8.52
CA THR A 12 4.73 -10.00 -9.65
C THR A 12 4.53 -8.54 -9.27
N LYS A 13 5.22 -7.64 -9.97
CA LYS A 13 5.15 -6.22 -9.68
C LYS A 13 3.73 -5.69 -9.90
N GLU A 14 3.05 -6.23 -10.90
CA GLU A 14 1.69 -5.83 -11.21
C GLU A 14 0.74 -6.18 -10.06
N GLU A 15 0.96 -7.33 -9.45
CA GLU A 15 0.15 -7.76 -8.32
C GLU A 15 0.40 -6.88 -7.10
N ALA A 16 1.66 -6.50 -6.90
CA ALA A 16 2.03 -5.58 -5.82
C ALA A 16 1.33 -4.24 -6.00
N LYS A 17 1.40 -3.70 -7.21
CA LYS A 17 0.77 -2.41 -7.50
C LYS A 17 -0.74 -2.47 -7.34
N GLN A 18 -1.32 -3.61 -7.72
CA GLN A 18 -2.76 -3.81 -7.58
C GLN A 18 -3.19 -3.72 -6.13
N ALA A 19 -2.47 -4.43 -5.26
CA ALA A 19 -2.77 -4.42 -3.83
C ALA A 19 -2.56 -3.03 -3.24
N PHE A 20 -1.52 -2.35 -3.71
CA PHE A 20 -1.21 -1.01 -3.22
C PHE A 20 -2.32 -0.02 -3.56
N LYS A 21 -2.78 -0.08 -4.80
CA LYS A 21 -3.82 0.84 -5.27
C LYS A 21 -5.13 0.60 -4.53
N GLU A 22 -5.48 -0.67 -4.33
CA GLU A 22 -6.71 -1.03 -3.65
C GLU A 22 -6.68 -0.60 -2.19
N ALA A 23 -5.53 -0.78 -1.56
CA ALA A 23 -5.34 -0.33 -0.18
C ALA A 23 -5.42 1.19 -0.08
N LEU A 24 -4.79 1.87 -1.04
CA LEU A 24 -4.85 3.33 -1.09
C LEU A 24 -6.29 3.82 -1.15
N LYS A 25 -7.10 3.18 -1.98
CA LYS A 25 -8.51 3.53 -2.10
C LYS A 25 -9.28 3.21 -0.82
N GLU A 26 -8.94 2.08 -0.21
CA GLU A 26 -9.58 1.66 1.04
C GLU A 26 -9.34 2.68 2.14
N LYS A 27 -8.15 3.25 2.17
CA LYS A 27 -7.80 4.26 3.16
C LYS A 27 -8.11 5.66 2.65
N ARG A 28 -8.70 5.74 1.47
CA ARG A 28 -9.02 7.03 0.86
C ARG A 28 -7.90 8.03 1.06
N VAL A 29 -6.69 7.66 0.65
CA VAL A 29 -5.53 8.52 0.82
C VAL A 29 -5.65 9.78 -0.03
N PRO A 30 -5.56 10.94 0.63
CA PRO A 30 -5.73 12.22 -0.04
C PRO A 30 -4.78 12.35 -1.22
N SER A 31 -5.23 13.01 -2.28
CA SER A 31 -4.41 13.22 -3.46
C SER A 31 -3.25 14.16 -3.17
N ASN A 32 -3.34 14.87 -2.06
CA ASN A 32 -2.29 15.80 -1.66
C ASN A 32 -1.24 15.11 -0.79
N ALA A 33 -1.49 13.85 -0.46
CA ALA A 33 -0.56 13.05 0.33
C ALA A 33 0.62 12.60 -0.51
N SER A 34 1.79 12.54 0.12
CA SER A 34 3.01 12.13 -0.58
C SER A 34 3.00 10.64 -0.88
N TRP A 35 3.88 10.21 -1.76
CA TRP A 35 4.02 8.79 -2.10
C TRP A 35 4.29 7.96 -0.86
N GLU A 36 5.20 8.42 -0.02
CA GLU A 36 5.54 7.73 1.22
C GLU A 36 4.35 7.65 2.16
N GLN A 37 3.64 8.77 2.28
CA GLN A 37 2.43 8.82 3.12
C GLN A 37 1.40 7.79 2.68
N ALA A 38 1.22 7.67 1.37
CA ALA A 38 0.30 6.69 0.81
C ALA A 38 0.72 5.27 1.16
N MET A 39 2.02 5.00 1.00
CA MET A 39 2.56 3.67 1.29
C MET A 39 2.40 3.32 2.76
N LYS A 40 2.51 4.33 3.62
CA LYS A 40 2.31 4.13 5.05
C LYS A 40 0.87 3.74 5.36
N MET A 41 -0.08 4.41 4.71
CA MET A 41 -1.49 4.08 4.86
C MET A 41 -1.79 2.69 4.31
N ILE A 42 -1.10 2.32 3.25
CA ILE A 42 -1.24 0.98 2.68
C ILE A 42 -0.76 -0.09 3.66
N ILE A 43 0.38 0.15 4.28
CA ILE A 43 0.91 -0.76 5.29
C ILE A 43 0.01 -0.83 6.51
N ASN A 44 -0.59 0.30 6.86
CA ASN A 44 -1.45 0.39 8.03
C ASN A 44 -2.83 -0.20 7.74
N ASP A 45 -3.03 -0.62 6.50
CA ASP A 45 -4.29 -1.26 6.11
C ASP A 45 -4.23 -2.76 6.30
N PRO A 46 -4.83 -3.23 7.39
CA PRO A 46 -4.76 -4.65 7.76
C PRO A 46 -5.20 -5.53 6.60
N ARG A 47 -6.10 -5.03 5.78
CA ARG A 47 -6.67 -5.80 4.68
C ARG A 47 -5.60 -6.20 3.68
N TYR A 48 -4.60 -5.34 3.50
CA TYR A 48 -3.55 -5.57 2.53
C TYR A 48 -2.17 -5.55 3.18
N SER A 49 -2.16 -5.43 4.51
CA SER A 49 -0.91 -5.41 5.26
C SER A 49 -0.11 -6.68 5.05
N ALA A 50 -0.82 -7.77 4.75
CA ALA A 50 -0.18 -9.06 4.53
C ALA A 50 0.74 -9.01 3.30
N LEU A 51 0.42 -8.11 2.37
CA LEU A 51 1.19 -7.98 1.15
C LEU A 51 2.09 -6.75 1.21
N ALA A 52 1.64 -5.73 1.93
CA ALA A 52 2.42 -4.50 2.09
C ALA A 52 3.71 -4.76 2.86
N LYS A 53 3.64 -5.70 3.81
CA LYS A 53 4.80 -6.06 4.61
C LYS A 53 5.52 -7.27 4.03
N LEU A 54 5.06 -7.71 2.86
CA LEU A 54 5.65 -8.89 2.20
C LEU A 54 7.11 -8.65 1.86
N SER A 55 7.44 -7.40 1.55
CA SER A 55 8.82 -7.03 1.23
C SER A 55 9.73 -7.21 2.44
N GLU A 56 9.12 -7.29 3.62
CA GLU A 56 9.87 -7.55 4.85
C GLU A 56 9.81 -9.03 5.23
N LYS A 57 8.69 -9.67 4.90
CA LYS A 57 8.53 -11.09 5.17
C LYS A 57 9.53 -11.93 4.39
N LYS A 58 9.82 -11.51 3.16
CA LYS A 58 10.76 -12.23 2.31
C LYS A 58 11.45 -11.27 1.33
#